data_3VP8
#
_entry.id   3VP8
#
_cell.length_a   57.170
_cell.length_b   43.582
_cell.length_c   70.525
_cell.angle_alpha   90.00
_cell.angle_beta   96.19
_cell.angle_gamma   90.00
#
_symmetry.space_group_name_H-M   'P 1 21 1'
#
loop_
_entity.id
_entity.type
_entity.pdbx_description
1 polymer 'General transcriptional corepressor TUP1'
2 water water
#
_entity_poly.entity_id   1
_entity_poly.type   'polypeptide(L)'
_entity_poly.pdbx_seq_one_letter_code
;MTASVSNTQNKLNELLDAIRQEFLQVSQEANTYRLQNQKDYDFKMNQQLAEMQQIRNTVYELELTHRKMKDAYEEEIKHL
KLGLEQRDHQIA
;
_entity_poly.pdbx_strand_id   A,B,C,D
#
# COMPACT_ATOMS: atom_id res chain seq x y z
N SER A 4 -10.48 -36.26 -34.15
CA SER A 4 -9.85 -35.00 -34.51
C SER A 4 -10.71 -33.82 -34.09
N VAL A 5 -11.99 -33.85 -34.46
CA VAL A 5 -12.94 -32.84 -34.03
C VAL A 5 -13.15 -33.00 -32.53
N SER A 6 -13.28 -34.25 -32.10
CA SER A 6 -13.45 -34.56 -30.68
C SER A 6 -12.15 -34.29 -29.92
N ASN A 7 -11.03 -34.34 -30.62
CA ASN A 7 -9.77 -33.93 -30.03
C ASN A 7 -9.79 -32.44 -29.80
N THR A 8 -10.20 -31.72 -30.84
CA THR A 8 -10.36 -30.28 -30.77
C THR A 8 -11.29 -29.89 -29.61
N GLN A 9 -12.41 -30.60 -29.50
CA GLN A 9 -13.34 -30.35 -28.41
C GLN A 9 -12.68 -30.59 -27.05
N ASN A 10 -11.83 -31.60 -26.99
CA ASN A 10 -11.02 -31.87 -25.80
C ASN A 10 -10.15 -30.68 -25.44
N LYS A 11 -9.39 -30.18 -26.42
CA LYS A 11 -8.57 -28.99 -26.23
C LYS A 11 -9.38 -27.84 -25.66
N LEU A 12 -10.55 -27.60 -26.25
CA LEU A 12 -11.45 -26.53 -25.81
C LEU A 12 -11.89 -26.73 -24.34
N ASN A 13 -12.31 -27.94 -24.00
CA ASN A 13 -12.73 -28.28 -22.63
C ASN A 13 -11.63 -28.11 -21.59
N GLU A 14 -10.41 -28.49 -21.96
CA GLU A 14 -9.27 -28.28 -21.08
C GLU A 14 -9.07 -26.78 -20.87
N LEU A 15 -9.03 -26.04 -21.97
CA LEU A 15 -8.78 -24.60 -21.94
C LEU A 15 -9.84 -23.82 -21.15
N LEU A 16 -11.10 -24.22 -21.25
CA LEU A 16 -12.16 -23.54 -20.51
C LEU A 16 -12.13 -23.86 -19.02
N ASP A 17 -11.45 -24.94 -18.65
CA ASP A 17 -11.24 -25.28 -17.25
C ASP A 17 -10.05 -24.50 -16.72
N ALA A 18 -9.00 -24.39 -17.55
CA ALA A 18 -7.86 -23.54 -17.24
C ALA A 18 -8.32 -22.11 -16.95
N ILE A 19 -9.18 -21.56 -17.80
CA ILE A 19 -9.75 -20.23 -17.63
C ILE A 19 -10.53 -20.07 -16.33
N ARG A 20 -11.43 -21.00 -16.05
CA ARG A 20 -12.19 -20.97 -14.80
C ARG A 20 -11.27 -20.95 -13.59
N GLN A 21 -10.23 -21.77 -13.66
CA GLN A 21 -9.27 -21.89 -12.57
C GLN A 21 -8.46 -20.62 -12.40
N GLU A 22 -8.21 -19.97 -13.53
CA GLU A 22 -7.37 -18.78 -13.55
C GLU A 22 -8.09 -17.59 -12.93
N PHE A 23 -9.38 -17.42 -13.26
CA PHE A 23 -10.16 -16.35 -12.64
C PHE A 23 -10.49 -16.59 -11.17
N LEU A 24 -10.65 -17.85 -10.79
CA LEU A 24 -10.86 -18.17 -9.38
C LEU A 24 -9.60 -17.84 -8.58
N GLN A 25 -8.45 -18.17 -9.15
CA GLN A 25 -7.19 -17.89 -8.48
C GLN A 25 -6.94 -16.39 -8.33
N VAL A 26 -7.35 -15.60 -9.32
CA VAL A 26 -7.19 -14.15 -9.25
C VAL A 26 -7.97 -13.52 -8.08
N SER A 27 -9.24 -13.92 -7.96
CA SER A 27 -10.09 -13.45 -6.88
C SER A 27 -9.58 -13.88 -5.50
N GLN A 28 -9.14 -15.13 -5.38
CA GLN A 28 -8.57 -15.58 -4.11
C GLN A 28 -7.34 -14.78 -3.75
N GLU A 29 -6.46 -14.57 -4.72
CA GLU A 29 -5.21 -13.86 -4.44
C GLU A 29 -5.42 -12.40 -4.07
N ALA A 30 -6.49 -11.78 -4.56
CA ALA A 30 -6.77 -10.39 -4.22
C ALA A 30 -7.06 -10.28 -2.72
N ASN A 31 -7.84 -11.21 -2.22
CA ASN A 31 -8.19 -11.24 -0.81
C ASN A 31 -6.96 -11.44 0.04
N THR A 32 -6.13 -12.40 -0.35
CA THR A 32 -4.88 -12.72 0.33
C THR A 32 -3.94 -11.52 0.37
N TYR A 33 -3.77 -10.86 -0.76
CA TYR A 33 -2.90 -9.69 -0.85
C TYR A 33 -3.42 -8.56 0.04
N ARG A 34 -4.72 -8.35 0.00
CA ARG A 34 -5.33 -7.29 0.81
C ARG A 34 -5.02 -7.54 2.28
N LEU A 35 -5.15 -8.78 2.72
CA LEU A 35 -4.90 -9.07 4.13
C LEU A 35 -3.41 -8.87 4.45
N GLN A 36 -2.53 -9.34 3.57
CA GLN A 36 -1.10 -9.11 3.75
C GLN A 36 -0.75 -7.63 3.86
N ASN A 37 -1.24 -6.84 2.92
CA ASN A 37 -0.98 -5.41 2.90
C ASN A 37 -1.48 -4.69 4.15
N GLN A 38 -2.68 -5.04 4.58
CA GLN A 38 -3.24 -4.48 5.81
C GLN A 38 -2.35 -4.79 7.01
N LYS A 39 -1.95 -6.05 7.13
CA LYS A 39 -1.03 -6.49 8.20
C LYS A 39 0.26 -5.70 8.24
N ASP A 40 0.90 -5.54 7.08
CA ASP A 40 2.21 -4.91 6.98
C ASP A 40 2.09 -3.41 7.25
N TYR A 41 1.04 -2.80 6.73
CA TYR A 41 0.80 -1.38 6.98
C TYR A 41 0.58 -1.15 8.48
N ASP A 42 -0.30 -1.95 9.07
CA ASP A 42 -0.63 -1.84 10.48
C ASP A 42 0.58 -2.07 11.38
N PHE A 43 1.44 -3.01 10.99
CA PHE A 43 2.66 -3.27 11.74
C PHE A 43 3.52 -2.03 11.84
N LYS A 44 3.86 -1.45 10.69
CA LYS A 44 4.70 -0.27 10.67
C LYS A 44 4.06 0.89 11.41
N MET A 45 2.75 1.04 11.26
CA MET A 45 2.04 2.16 11.89
C MET A 45 1.99 1.99 13.40
N ASN A 46 1.74 0.76 13.87
CA ASN A 46 1.70 0.49 15.30
C ASN A 46 3.08 0.57 15.92
N GLN A 47 4.09 0.20 15.13
CA GLN A 47 5.47 0.33 15.54
C GLN A 47 5.86 1.80 15.74
N GLN A 48 5.48 2.65 14.78
CA GLN A 48 5.79 4.08 14.86
C GLN A 48 4.98 4.78 15.95
N LEU A 49 3.71 4.38 16.11
CA LEU A 49 2.90 4.88 17.21
C LEU A 49 3.53 4.53 18.56
N ALA A 50 4.00 3.29 18.70
CA ALA A 50 4.72 2.89 19.92
C ALA A 50 5.98 3.72 20.12
N GLU A 51 6.69 4.00 19.03
CA GLU A 51 7.92 4.81 19.08
C GLU A 51 7.65 6.24 19.53
N MET A 52 6.56 6.82 19.05
CA MET A 52 6.14 8.17 19.46
C MET A 52 5.72 8.18 20.94
N GLN A 53 5.13 7.08 21.40
CA GLN A 53 4.68 7.00 22.78
C GLN A 53 5.89 6.97 23.71
N GLN A 54 6.88 6.18 23.30
CA GLN A 54 8.14 6.10 24.05
C GLN A 54 8.87 7.45 24.08
N ILE A 55 8.80 8.21 22.99
CA ILE A 55 9.43 9.53 22.98
C ILE A 55 8.68 10.51 23.89
N ARG A 56 7.36 10.52 23.78
CA ARG A 56 6.56 11.41 24.61
C ARG A 56 6.81 11.10 26.09
N ASN A 57 6.87 9.82 26.46
CA ASN A 57 7.12 9.44 27.84
C ASN A 57 8.47 9.95 28.32
N THR A 58 9.47 9.86 27.45
CA THR A 58 10.82 10.34 27.78
C THR A 58 10.88 11.86 27.97
N VAL A 59 10.17 12.61 27.12
CA VAL A 59 10.06 14.06 27.31
C VAL A 59 9.47 14.37 28.69
N TYR A 60 8.37 13.73 29.07
CA TYR A 60 7.81 14.00 30.41
C TYR A 60 8.77 13.55 31.51
N GLU A 61 9.45 12.43 31.30
CA GLU A 61 10.49 12.01 32.26
C GLU A 61 11.60 13.06 32.42
N LEU A 62 12.01 13.66 31.30
CA LEU A 62 13.00 14.75 31.34
C LEU A 62 12.45 15.92 32.13
N GLU A 63 11.18 16.26 31.89
CA GLU A 63 10.57 17.41 32.56
C GLU A 63 10.44 17.19 34.07
N LEU A 64 10.01 15.99 34.45
CA LEU A 64 9.96 15.60 35.86
C LEU A 64 11.35 15.66 36.52
N THR A 65 12.37 15.29 35.75
CA THR A 65 13.73 15.25 36.26
C THR A 65 14.31 16.67 36.43
N HIS A 66 14.00 17.55 35.49
CA HIS A 66 14.36 18.96 35.65
C HIS A 66 13.70 19.53 36.89
N ARG A 67 12.46 19.13 37.15
CA ARG A 67 11.76 19.61 38.36
C ARG A 67 12.41 19.13 39.66
N LYS A 68 12.87 17.89 39.67
CA LYS A 68 13.59 17.36 40.82
C LYS A 68 14.92 18.09 41.02
N MET A 69 15.62 18.37 39.92
CA MET A 69 16.90 19.11 40.01
C MET A 69 16.65 20.53 40.51
N LYS A 70 15.62 21.18 39.98
CA LYS A 70 15.25 22.52 40.44
C LYS A 70 14.94 22.47 41.94
N ASP A 71 14.17 21.47 42.36
CA ASP A 71 13.93 21.27 43.79
C ASP A 71 15.25 21.12 44.54
N ALA A 72 16.17 20.34 43.98
CA ALA A 72 17.47 20.09 44.61
C ALA A 72 18.28 21.38 44.76
N TYR A 73 18.26 22.24 43.74
CA TYR A 73 18.91 23.55 43.84
C TYR A 73 18.13 24.43 44.82
N GLU A 74 16.83 24.17 44.94
CA GLU A 74 15.99 24.92 45.86
C GLU A 74 16.25 24.45 47.29
N GLU A 75 17.20 23.52 47.44
CA GLU A 75 17.60 23.00 48.74
C GLU A 75 19.10 23.21 49.01
N GLU A 76 19.90 23.20 47.94
CA GLU A 76 21.30 23.59 48.06
C GLU A 76 21.30 25.04 48.54
N ILE A 77 20.34 25.81 48.03
CA ILE A 77 20.12 27.19 48.41
C ILE A 77 19.72 27.34 49.87
N LYS A 78 18.66 26.62 50.26
CA LYS A 78 18.14 26.66 51.63
C LYS A 78 19.25 26.48 52.67
N THR B 2 23.18 17.54 47.59
CA THR B 2 24.18 17.49 46.53
C THR B 2 24.22 16.11 45.90
N ALA B 3 23.78 15.11 46.65
CA ALA B 3 23.54 13.80 46.03
C ALA B 3 22.35 13.95 45.10
N SER B 4 21.35 14.73 45.52
CA SER B 4 20.18 14.96 44.68
C SER B 4 20.52 15.75 43.41
N VAL B 5 21.45 16.70 43.53
CA VAL B 5 21.89 17.43 42.33
C VAL B 5 22.64 16.47 41.41
N SER B 6 23.57 15.71 41.97
CA SER B 6 24.35 14.75 41.19
C SER B 6 23.48 13.66 40.57
N ASN B 7 22.54 13.14 41.36
CA ASN B 7 21.63 12.11 40.86
C ASN B 7 20.76 12.58 39.70
N THR B 8 20.20 13.78 39.82
CA THR B 8 19.26 14.25 38.81
C THR B 8 20.02 14.59 37.54
N GLN B 9 21.23 15.11 37.69
CA GLN B 9 22.03 15.43 36.52
C GLN B 9 22.38 14.15 35.74
N ASN B 10 22.76 13.12 36.47
CA ASN B 10 23.12 11.85 35.83
C ASN B 10 21.89 11.25 35.16
N LYS B 11 20.75 11.36 35.82
CA LYS B 11 19.48 10.89 35.27
C LYS B 11 19.19 11.61 33.95
N LEU B 12 19.32 12.93 33.98
CA LEU B 12 19.04 13.76 32.82
C LEU B 12 19.90 13.37 31.64
N ASN B 13 21.18 13.13 31.89
CA ASN B 13 22.10 12.71 30.84
C ASN B 13 21.74 11.36 30.25
N GLU B 14 21.26 10.46 31.09
CA GLU B 14 20.83 9.14 30.59
C GLU B 14 19.63 9.31 29.64
N LEU B 15 18.71 10.20 30.01
CA LEU B 15 17.48 10.39 29.26
C LEU B 15 17.70 11.20 27.99
N LEU B 16 18.65 12.12 28.03
CA LEU B 16 19.04 12.87 26.85
C LEU B 16 19.63 11.92 25.81
N ASP B 17 20.46 10.98 26.26
CA ASP B 17 21.01 9.97 25.37
C ASP B 17 19.90 9.08 24.80
N ALA B 18 18.97 8.70 25.67
CA ALA B 18 17.87 7.82 25.28
C ALA B 18 17.00 8.48 24.23
N ILE B 19 16.73 9.76 24.40
CA ILE B 19 15.82 10.43 23.49
C ILE B 19 16.50 10.65 22.14
N ARG B 20 17.81 10.86 22.14
CA ARG B 20 18.53 10.97 20.89
C ARG B 20 18.45 9.69 20.09
N GLN B 21 18.61 8.55 20.76
CA GLN B 21 18.55 7.29 20.03
C GLN B 21 17.15 6.96 19.53
N GLU B 22 16.14 7.38 20.28
CA GLU B 22 14.75 7.16 19.86
C GLU B 22 14.47 7.92 18.57
N PHE B 23 14.92 9.16 18.50
CA PHE B 23 14.74 9.96 17.27
C PHE B 23 15.47 9.33 16.09
N LEU B 24 16.71 8.92 16.31
CA LEU B 24 17.53 8.32 15.25
C LEU B 24 16.92 7.01 14.75
N GLN B 25 16.40 6.18 15.66
CA GLN B 25 15.74 4.94 15.24
C GLN B 25 14.57 5.23 14.30
N VAL B 26 13.85 6.32 14.55
CA VAL B 26 12.74 6.70 13.68
C VAL B 26 13.23 7.21 12.31
N SER B 27 14.21 8.10 12.30
CA SER B 27 14.70 8.66 11.03
C SER B 27 15.50 7.63 10.22
N GLN B 28 16.26 6.81 10.92
CA GLN B 28 17.05 5.74 10.31
C GLN B 28 16.20 4.81 9.48
N GLU B 29 14.97 4.57 9.93
CA GLU B 29 14.09 3.58 9.34
C GLU B 29 13.41 4.05 8.06
N ALA B 30 13.57 5.32 7.72
CA ALA B 30 12.85 5.90 6.58
C ALA B 30 13.20 5.27 5.23
N ASN B 31 14.49 5.13 4.91
CA ASN B 31 14.83 4.49 3.63
C ASN B 31 14.53 2.98 3.66
N THR B 32 14.56 2.37 4.83
CA THR B 32 14.29 0.92 4.87
C THR B 32 12.80 0.65 4.68
N TYR B 33 11.94 1.44 5.32
CA TYR B 33 10.50 1.29 5.12
C TYR B 33 10.12 1.63 3.69
N ARG B 34 10.79 2.62 3.11
CA ARG B 34 10.52 3.02 1.73
C ARG B 34 10.88 1.91 0.74
N LEU B 35 12.05 1.32 0.94
CA LEU B 35 12.51 0.23 0.08
C LEU B 35 11.60 -0.98 0.18
N GLN B 36 11.20 -1.34 1.40
CA GLN B 36 10.34 -2.48 1.62
C GLN B 36 8.97 -2.28 1.02
N ASN B 37 8.45 -1.06 1.15
CA ASN B 37 7.14 -0.76 0.61
C ASN B 37 7.10 -0.99 -0.90
N GLN B 38 8.14 -0.55 -1.56
CA GLN B 38 8.20 -0.71 -3.01
C GLN B 38 8.48 -2.17 -3.42
N LYS B 39 9.30 -2.86 -2.64
CA LYS B 39 9.58 -4.27 -2.90
C LYS B 39 8.30 -5.11 -2.77
N ASP B 40 7.50 -4.83 -1.74
CA ASP B 40 6.23 -5.54 -1.57
C ASP B 40 5.23 -5.20 -2.67
N TYR B 41 5.18 -3.92 -3.04
CA TYR B 41 4.28 -3.50 -4.11
C TYR B 41 4.65 -4.21 -5.41
N ASP B 42 5.95 -4.22 -5.72
CA ASP B 42 6.44 -4.84 -6.94
C ASP B 42 6.22 -6.36 -7.00
N PHE B 43 6.31 -7.03 -5.85
CA PHE B 43 6.11 -8.47 -5.81
C PHE B 43 4.67 -8.77 -6.20
N LYS B 44 3.74 -8.02 -5.65
CA LYS B 44 2.32 -8.20 -5.98
C LYS B 44 2.01 -7.83 -7.43
N MET B 45 2.52 -6.69 -7.88
CA MET B 45 2.24 -6.18 -9.21
C MET B 45 2.70 -7.18 -10.27
N ASN B 46 3.93 -7.66 -10.11
CA ASN B 46 4.51 -8.59 -11.08
C ASN B 46 3.78 -9.92 -11.11
N GLN B 47 3.45 -10.45 -9.95
CA GLN B 47 2.65 -11.68 -9.91
C GLN B 47 1.32 -11.48 -10.63
N GLN B 48 0.69 -10.35 -10.39
CA GLN B 48 -0.64 -10.10 -10.94
C GLN B 48 -0.60 -9.91 -12.46
N LEU B 49 0.46 -9.28 -12.95
CA LEU B 49 0.64 -9.13 -14.40
C LEU B 49 0.96 -10.47 -15.06
N ALA B 50 1.73 -11.30 -14.36
CA ALA B 50 2.07 -12.64 -14.84
C ALA B 50 0.82 -13.48 -14.98
N GLU B 51 -0.11 -13.33 -14.05
CA GLU B 51 -1.38 -14.06 -14.12
C GLU B 51 -2.29 -13.58 -15.26
N MET B 52 -2.43 -12.26 -15.39
CA MET B 52 -3.21 -11.66 -16.48
C MET B 52 -2.69 -12.13 -17.83
N GLN B 53 -1.37 -12.11 -17.97
CA GLN B 53 -0.75 -12.55 -19.20
C GLN B 53 -1.05 -14.03 -19.47
N GLN B 54 -1.17 -14.82 -18.41
CA GLN B 54 -1.46 -16.25 -18.55
C GLN B 54 -2.89 -16.43 -19.05
N ILE B 55 -3.82 -15.73 -18.42
CA ILE B 55 -5.20 -15.69 -18.88
C ILE B 55 -5.24 -15.25 -20.34
N ARG B 56 -4.51 -14.18 -20.64
CA ARG B 56 -4.51 -13.67 -22.01
C ARG B 56 -4.05 -14.73 -23.00
N ASN B 57 -3.00 -15.46 -22.67
CA ASN B 57 -2.54 -16.53 -23.56
C ASN B 57 -3.55 -17.66 -23.74
N THR B 58 -4.23 -18.03 -22.66
CA THR B 58 -5.23 -19.10 -22.71
C THR B 58 -6.41 -18.70 -23.57
N VAL B 59 -6.87 -17.46 -23.40
CA VAL B 59 -7.91 -16.93 -24.27
C VAL B 59 -7.47 -17.05 -25.73
N TYR B 60 -6.24 -16.63 -26.02
CA TYR B 60 -5.72 -16.72 -27.39
C TYR B 60 -5.68 -18.17 -27.89
N GLU B 61 -5.27 -19.10 -27.04
CA GLU B 61 -5.28 -20.51 -27.42
C GLU B 61 -6.69 -21.02 -27.66
N LEU B 62 -7.64 -20.57 -26.84
CA LEU B 62 -9.03 -20.95 -27.01
C LEU B 62 -9.50 -20.51 -28.37
N GLU B 63 -9.15 -19.28 -28.74
CA GLU B 63 -9.57 -18.71 -30.01
C GLU B 63 -8.97 -19.44 -31.23
N LEU B 64 -7.68 -19.75 -31.19
CA LEU B 64 -7.07 -20.54 -32.27
C LEU B 64 -7.73 -21.90 -32.39
N THR B 65 -8.02 -22.50 -31.25
CA THR B 65 -8.60 -23.83 -31.23
C THR B 65 -10.00 -23.85 -31.85
N HIS B 66 -10.85 -22.90 -31.44
CA HIS B 66 -12.17 -22.74 -32.04
C HIS B 66 -12.09 -22.57 -33.55
N ARG B 67 -11.04 -21.90 -34.01
CA ARG B 67 -10.96 -21.62 -35.44
C ARG B 67 -10.46 -22.83 -36.23
N LYS B 68 -9.70 -23.70 -35.55
CA LYS B 68 -9.32 -24.99 -36.10
C LYS B 68 -10.57 -25.84 -36.33
N MET B 69 -11.47 -25.81 -35.35
CA MET B 69 -12.72 -26.55 -35.47
C MET B 69 -13.53 -26.00 -36.64
N LYS B 70 -13.46 -24.69 -36.82
CA LYS B 70 -14.18 -24.06 -37.92
C LYS B 70 -13.56 -24.47 -39.26
N ASP B 71 -12.25 -24.70 -39.26
CA ASP B 71 -11.54 -25.13 -40.47
C ASP B 71 -11.85 -26.60 -40.79
N ALA B 72 -12.56 -27.27 -39.89
CA ALA B 72 -12.98 -28.65 -40.11
C ALA B 72 -14.40 -28.70 -40.67
N TYR B 73 -15.24 -27.78 -40.21
CA TYR B 73 -16.61 -27.71 -40.69
C TYR B 73 -16.71 -27.05 -42.07
N GLU B 74 -15.80 -26.11 -42.35
CA GLU B 74 -15.78 -25.45 -43.66
C GLU B 74 -15.32 -26.41 -44.75
N GLU B 75 -14.49 -27.37 -44.36
CA GLU B 75 -13.95 -28.31 -45.33
C GLU B 75 -14.87 -29.52 -45.56
N GLU B 76 -15.72 -29.81 -44.58
CA GLU B 76 -16.74 -30.85 -44.71
C GLU B 76 -17.93 -30.30 -45.48
N ILE B 77 -18.27 -29.05 -45.22
CA ILE B 77 -19.29 -28.34 -45.99
C ILE B 77 -18.84 -28.21 -47.44
N LYS B 78 -17.54 -28.09 -47.64
CA LYS B 78 -16.96 -27.96 -48.98
C LYS B 78 -16.89 -29.31 -49.71
N HIS B 79 -16.72 -30.39 -48.96
CA HIS B 79 -16.81 -31.73 -49.52
C HIS B 79 -18.27 -31.96 -49.88
N LEU B 80 -19.15 -31.78 -48.90
CA LEU B 80 -20.60 -31.86 -49.07
C LEU B 80 -21.09 -31.29 -50.40
N LYS B 81 -20.57 -30.13 -50.77
CA LYS B 81 -21.06 -29.44 -51.96
C LYS B 81 -20.51 -30.05 -53.24
N SER C 4 12.44 36.92 34.80
CA SER C 4 13.34 36.35 33.80
C SER C 4 13.60 34.87 34.06
N VAL C 5 13.20 34.40 35.25
CA VAL C 5 12.99 32.98 35.48
C VAL C 5 11.51 32.71 35.30
N SER C 6 10.69 33.62 35.81
CA SER C 6 9.26 33.57 35.55
C SER C 6 9.02 33.54 34.04
N ASN C 7 9.75 34.39 33.31
CA ASN C 7 9.65 34.41 31.86
C ASN C 7 10.26 33.16 31.29
N THR C 8 11.32 32.67 31.92
CA THR C 8 11.94 31.44 31.47
C THR C 8 10.91 30.33 31.64
N GLN C 9 10.17 30.39 32.75
CA GLN C 9 9.09 29.43 32.99
C GLN C 9 7.99 29.55 31.95
N ASN C 10 7.65 30.78 31.58
CA ASN C 10 6.69 31.01 30.50
C ASN C 10 7.16 30.34 29.24
N LYS C 11 8.45 30.49 28.97
CA LYS C 11 9.04 29.92 27.77
C LYS C 11 8.98 28.39 27.79
N LEU C 12 9.33 27.79 28.92
CA LEU C 12 9.20 26.35 29.11
C LEU C 12 7.77 25.88 28.84
N ASN C 13 6.81 26.59 29.41
CA ASN C 13 5.40 26.22 29.28
C ASN C 13 4.94 26.27 27.84
N GLU C 14 5.35 27.32 27.14
CA GLU C 14 5.02 27.51 25.73
C GLU C 14 5.57 26.38 24.86
N LEU C 15 6.82 26.02 25.12
CA LEU C 15 7.47 24.97 24.32
C LEU C 15 6.89 23.60 24.62
N LEU C 16 6.55 23.32 25.88
CA LEU C 16 5.94 22.04 26.23
C LEU C 16 4.56 21.94 25.59
N ASP C 17 3.82 23.04 25.60
CA ASP C 17 2.55 23.08 24.88
C ASP C 17 2.71 22.77 23.39
N ALA C 18 3.72 23.35 22.76
CA ALA C 18 3.97 23.12 21.34
C ALA C 18 4.28 21.67 21.10
N ILE C 19 5.05 21.05 22.00
CA ILE C 19 5.41 19.65 21.84
C ILE C 19 4.18 18.74 21.98
N ARG C 20 3.29 19.03 22.92
CA ARG C 20 2.06 18.24 23.06
C ARG C 20 1.20 18.35 21.82
N GLN C 21 1.15 19.56 21.26
CA GLN C 21 0.35 19.81 20.06
C GLN C 21 0.95 19.10 18.86
N GLU C 22 2.28 19.08 18.78
CA GLU C 22 3.00 18.40 17.71
C GLU C 22 2.83 16.89 17.78
N PHE C 23 2.88 16.32 18.97
CA PHE C 23 2.68 14.88 19.12
C PHE C 23 1.26 14.52 18.74
N LEU C 24 0.32 15.36 19.15
CA LEU C 24 -1.08 15.11 18.85
C LEU C 24 -1.28 15.13 17.33
N GLN C 25 -0.69 16.11 16.66
CA GLN C 25 -0.80 16.21 15.19
C GLN C 25 -0.20 15.01 14.46
N VAL C 26 0.95 14.50 14.93
CA VAL C 26 1.55 13.31 14.32
C VAL C 26 0.59 12.13 14.45
N SER C 27 0.00 11.94 15.62
CA SER C 27 -0.93 10.85 15.84
C SER C 27 -2.20 10.98 14.98
N GLN C 28 -2.79 12.17 14.95
CA GLN C 28 -4.02 12.34 14.19
C GLN C 28 -3.76 12.19 12.69
N GLU C 29 -2.59 12.62 12.25
CA GLU C 29 -2.22 12.42 10.84
C GLU C 29 -1.98 10.96 10.47
N ALA C 30 -1.44 10.17 11.41
CA ALA C 30 -1.17 8.76 11.12
C ALA C 30 -2.47 8.01 10.97
N ASN C 31 -3.45 8.39 11.79
CA ASN C 31 -4.77 7.77 11.74
C ASN C 31 -5.50 8.09 10.43
N THR C 32 -5.41 9.36 10.02
CA THR C 32 -5.98 9.81 8.76
C THR C 32 -5.33 9.06 7.59
N TYR C 33 -4.01 8.96 7.63
CA TYR C 33 -3.27 8.29 6.56
C TYR C 33 -3.64 6.81 6.42
N ARG C 34 -3.93 6.18 7.56
CA ARG C 34 -4.17 4.74 7.57
C ARG C 34 -5.44 4.43 6.80
N LEU C 35 -6.47 5.24 7.05
CA LEU C 35 -7.76 5.06 6.39
C LEU C 35 -7.67 5.45 4.92
N GLN C 36 -6.98 6.55 4.65
CA GLN C 36 -6.75 6.98 3.27
C GLN C 36 -6.02 5.89 2.47
N ASN C 37 -4.97 5.35 3.04
CA ASN C 37 -4.21 4.28 2.39
C ASN C 37 -5.08 3.08 2.04
N GLN C 38 -5.90 2.67 2.99
CA GLN C 38 -6.81 1.55 2.80
C GLN C 38 -7.88 1.82 1.73
N LYS C 39 -8.41 3.05 1.71
CA LYS C 39 -9.41 3.40 0.70
C LYS C 39 -8.79 3.37 -0.70
N ASP C 40 -7.57 3.88 -0.80
CA ASP C 40 -6.83 3.85 -2.07
C ASP C 40 -6.55 2.43 -2.52
N TYR C 41 -6.04 1.62 -1.61
CA TYR C 41 -5.78 0.21 -1.89
C TYR C 41 -7.06 -0.50 -2.33
N ASP C 42 -8.12 -0.29 -1.56
CA ASP C 42 -9.38 -0.98 -1.83
C ASP C 42 -10.04 -0.57 -3.15
N PHE C 43 -9.92 0.71 -3.51
CA PHE C 43 -10.45 1.15 -4.80
C PHE C 43 -9.72 0.47 -5.94
N LYS C 44 -8.40 0.39 -5.85
CA LYS C 44 -7.61 -0.24 -6.93
C LYS C 44 -7.78 -1.75 -6.99
N MET C 45 -8.00 -2.35 -5.83
CA MET C 45 -8.29 -3.78 -5.77
C MET C 45 -9.64 -4.08 -6.39
N ASN C 46 -10.65 -3.29 -6.02
CA ASN C 46 -12.01 -3.51 -6.54
C ASN C 46 -12.13 -3.17 -8.02
N GLN C 47 -11.37 -2.18 -8.45
CA GLN C 47 -11.33 -1.81 -9.86
C GLN C 47 -10.75 -2.93 -10.73
N GLN C 48 -9.66 -3.53 -10.27
CA GLN C 48 -9.04 -4.65 -10.98
C GLN C 48 -9.94 -5.90 -10.94
N LEU C 49 -10.52 -6.20 -9.79
CA LEU C 49 -11.50 -7.28 -9.72
C LEU C 49 -12.66 -7.08 -10.69
N ALA C 50 -13.12 -5.83 -10.81
CA ALA C 50 -14.23 -5.51 -11.71
C ALA C 50 -13.81 -5.67 -13.18
N GLU C 51 -12.60 -5.20 -13.51
CA GLU C 51 -12.02 -5.39 -14.84
C GLU C 51 -11.87 -6.88 -15.19
N MET C 52 -11.44 -7.67 -14.21
CA MET C 52 -11.29 -9.12 -14.41
C MET C 52 -12.64 -9.82 -14.56
N GLN C 53 -13.65 -9.31 -13.85
CA GLN C 53 -15.02 -9.82 -13.97
C GLN C 53 -15.50 -9.54 -15.39
N GLN C 54 -15.22 -8.33 -15.88
CA GLN C 54 -15.66 -7.94 -17.22
C GLN C 54 -14.98 -8.78 -18.32
N ILE C 55 -13.68 -9.02 -18.17
CA ILE C 55 -12.94 -9.90 -19.07
C ILE C 55 -13.56 -11.30 -19.06
N ARG C 56 -13.77 -11.85 -17.86
CA ARG C 56 -14.39 -13.16 -17.69
C ARG C 56 -15.74 -13.27 -18.41
N ASN C 57 -16.56 -12.23 -18.30
CA ASN C 57 -17.85 -12.22 -18.98
C ASN C 57 -17.69 -12.12 -20.50
N THR C 58 -16.70 -11.36 -20.95
CA THR C 58 -16.41 -11.28 -22.38
C THR C 58 -16.00 -12.64 -22.92
N VAL C 59 -15.17 -13.37 -22.18
CA VAL C 59 -14.87 -14.74 -22.53
C VAL C 59 -16.16 -15.55 -22.63
N TYR C 60 -16.97 -15.54 -21.58
CA TYR C 60 -18.25 -16.23 -21.57
C TYR C 60 -19.03 -15.98 -22.86
N GLU C 61 -19.07 -14.72 -23.26
CA GLU C 61 -19.77 -14.33 -24.47
C GLU C 61 -19.10 -14.86 -25.72
N LEU C 62 -17.77 -14.81 -25.76
CA LEU C 62 -17.04 -15.39 -26.89
C LEU C 62 -17.54 -16.81 -27.10
N GLU C 63 -17.54 -17.58 -26.02
CA GLU C 63 -17.98 -18.98 -26.04
C GLU C 63 -19.39 -19.14 -26.57
N LEU C 64 -20.28 -18.23 -26.18
CA LEU C 64 -21.66 -18.25 -26.64
C LEU C 64 -21.74 -18.07 -28.15
N THR C 65 -21.12 -17.02 -28.67
CA THR C 65 -21.25 -16.77 -30.11
C THR C 65 -20.48 -17.78 -30.96
N HIS C 66 -19.41 -18.36 -30.41
CA HIS C 66 -18.76 -19.49 -31.04
C HIS C 66 -19.73 -20.67 -31.19
N ARG C 67 -20.50 -20.95 -30.13
CA ARG C 67 -21.55 -21.96 -30.17
C ARG C 67 -22.68 -21.61 -31.15
N LYS C 68 -22.93 -20.32 -31.33
CA LYS C 68 -23.90 -19.88 -32.32
C LYS C 68 -23.37 -20.09 -33.74
N MET C 69 -22.06 -19.90 -33.91
CA MET C 69 -21.43 -20.14 -35.20
C MET C 69 -21.42 -21.62 -35.53
N LYS C 70 -20.98 -22.43 -34.57
CA LYS C 70 -21.03 -23.88 -34.70
C LYS C 70 -22.45 -24.35 -35.04
N ASP C 71 -23.42 -23.98 -34.21
CA ASP C 71 -24.82 -24.34 -34.45
C ASP C 71 -25.28 -24.05 -35.88
N ALA C 72 -24.86 -22.91 -36.42
CA ALA C 72 -25.21 -22.51 -37.77
C ALA C 72 -24.57 -23.43 -38.82
N TYR C 73 -23.27 -23.68 -38.68
CA TYR C 73 -22.55 -24.62 -39.54
C TYR C 73 -23.19 -25.99 -39.47
N GLU C 74 -23.78 -26.30 -38.33
CA GLU C 74 -24.44 -27.58 -38.14
C GLU C 74 -25.76 -27.67 -38.90
N GLU C 75 -26.39 -26.51 -39.13
CA GLU C 75 -27.64 -26.47 -39.89
C GLU C 75 -27.38 -26.68 -41.39
N GLU C 76 -26.27 -26.13 -41.88
CA GLU C 76 -25.87 -26.32 -43.27
C GLU C 76 -25.49 -27.77 -43.53
N ILE C 77 -24.53 -28.27 -42.75
CA ILE C 77 -24.17 -29.69 -42.82
C ILE C 77 -25.41 -30.57 -42.80
N LYS C 78 -26.47 -30.09 -42.15
CA LYS C 78 -27.76 -30.79 -42.09
C LYS C 78 -28.55 -30.58 -43.38
N HIS C 79 -28.88 -29.32 -43.67
CA HIS C 79 -29.50 -28.93 -44.93
C HIS C 79 -29.01 -29.79 -46.09
N LEU C 80 -27.70 -29.75 -46.29
CA LEU C 80 -27.08 -30.20 -47.54
C LEU C 80 -27.38 -31.65 -47.89
N THR D 2 -25.26 -17.89 -45.63
CA THR D 2 -26.18 -17.21 -44.72
C THR D 2 -25.70 -15.80 -44.39
N ALA D 3 -26.62 -14.94 -43.97
CA ALA D 3 -26.27 -13.59 -43.53
C ALA D 3 -25.85 -13.63 -42.07
N SER D 4 -26.38 -14.61 -41.34
CA SER D 4 -26.18 -14.72 -39.90
C SER D 4 -24.73 -15.04 -39.51
N VAL D 5 -24.11 -16.00 -40.21
CA VAL D 5 -22.73 -16.37 -39.93
C VAL D 5 -21.82 -15.15 -40.02
N SER D 6 -22.19 -14.20 -40.88
CA SER D 6 -21.45 -12.94 -41.02
C SER D 6 -21.56 -12.13 -39.74
N ASN D 7 -22.72 -12.19 -39.10
CA ASN D 7 -22.96 -11.38 -37.91
C ASN D 7 -22.40 -11.99 -36.64
N THR D 8 -22.33 -13.32 -36.59
CA THR D 8 -21.69 -13.94 -35.43
C THR D 8 -20.18 -13.78 -35.58
N GLN D 9 -19.67 -13.91 -36.79
CA GLN D 9 -18.27 -13.58 -37.02
C GLN D 9 -18.00 -12.11 -36.68
N ASN D 10 -19.05 -11.30 -36.70
CA ASN D 10 -18.97 -9.88 -36.35
C ASN D 10 -18.79 -9.70 -34.86
N LYS D 11 -19.76 -10.23 -34.12
CA LYS D 11 -19.67 -10.20 -32.68
C LYS D 11 -18.31 -10.74 -32.27
N LEU D 12 -17.90 -11.87 -32.86
CA LEU D 12 -16.62 -12.48 -32.54
C LEU D 12 -15.47 -11.49 -32.65
N ASN D 13 -15.36 -10.84 -33.80
CA ASN D 13 -14.24 -9.94 -34.02
C ASN D 13 -14.28 -8.78 -33.04
N GLU D 14 -15.49 -8.37 -32.66
CA GLU D 14 -15.71 -7.27 -31.75
C GLU D 14 -15.44 -7.66 -30.29
N LEU D 15 -15.92 -8.82 -29.89
CA LEU D 15 -15.62 -9.37 -28.58
C LEU D 15 -14.11 -9.50 -28.40
N LEU D 16 -13.43 -9.98 -29.45
CA LEU D 16 -11.98 -10.16 -29.43
C LEU D 16 -11.25 -8.82 -29.35
N ASP D 17 -11.74 -7.83 -30.06
CA ASP D 17 -11.20 -6.48 -29.93
C ASP D 17 -11.42 -5.92 -28.51
N ALA D 18 -12.61 -6.17 -27.98
CA ALA D 18 -12.94 -5.71 -26.63
C ALA D 18 -12.01 -6.34 -25.60
N ILE D 19 -11.78 -7.64 -25.72
CA ILE D 19 -10.94 -8.29 -24.73
C ILE D 19 -9.51 -7.76 -24.80
N ARG D 20 -9.06 -7.46 -26.01
CA ARG D 20 -7.72 -6.93 -26.19
C ARG D 20 -7.56 -5.59 -25.50
N GLN D 21 -8.57 -4.74 -25.66
CA GLN D 21 -8.53 -3.42 -25.02
C GLN D 21 -8.59 -3.55 -23.49
N GLU D 22 -9.34 -4.54 -23.03
CA GLU D 22 -9.50 -4.75 -21.59
C GLU D 22 -8.17 -5.16 -20.94
N PHE D 23 -7.47 -6.08 -21.58
CA PHE D 23 -6.17 -6.51 -21.07
C PHE D 23 -5.20 -5.36 -21.09
N LEU D 24 -5.25 -4.53 -22.14
CA LEU D 24 -4.27 -3.47 -22.26
C LEU D 24 -4.49 -2.44 -21.17
N GLN D 25 -5.77 -2.18 -20.90
CA GLN D 25 -6.16 -1.26 -19.86
C GLN D 25 -5.68 -1.71 -18.48
N VAL D 26 -5.69 -3.02 -18.24
CA VAL D 26 -5.23 -3.54 -16.96
C VAL D 26 -3.72 -3.36 -16.80
N SER D 27 -3.00 -3.56 -17.90
CA SER D 27 -1.55 -3.39 -17.91
C SER D 27 -1.13 -1.92 -17.81
N GLN D 28 -1.83 -1.02 -18.50
CA GLN D 28 -1.50 0.39 -18.42
C GLN D 28 -1.79 0.96 -17.03
N GLU D 29 -2.88 0.52 -16.43
CA GLU D 29 -3.23 0.99 -15.09
C GLU D 29 -2.22 0.51 -14.04
N ALA D 30 -1.74 -0.71 -14.18
CA ALA D 30 -0.78 -1.25 -13.21
C ALA D 30 0.51 -0.42 -13.20
N ASN D 31 0.93 0.02 -14.38
CA ASN D 31 2.17 0.80 -14.51
C ASN D 31 1.98 2.23 -14.04
N THR D 32 0.80 2.78 -14.27
CA THR D 32 0.46 4.10 -13.77
C THR D 32 0.32 4.06 -12.25
N TYR D 33 -0.25 2.97 -11.74
CA TYR D 33 -0.43 2.86 -10.28
C TYR D 33 0.87 2.64 -9.51
N ARG D 34 1.87 2.06 -10.17
CA ARG D 34 3.17 1.89 -9.51
C ARG D 34 3.76 3.25 -9.21
N LEU D 35 3.69 4.17 -10.18
CA LEU D 35 4.10 5.56 -9.97
C LEU D 35 3.30 6.25 -8.88
N GLN D 36 1.97 6.08 -8.87
CA GLN D 36 1.14 6.71 -7.82
C GLN D 36 1.58 6.22 -6.45
N ASN D 37 1.94 4.94 -6.35
CA ASN D 37 2.41 4.39 -5.08
C ASN D 37 3.64 5.13 -4.57
N GLN D 38 4.60 5.34 -5.45
CA GLN D 38 5.84 6.03 -5.06
C GLN D 38 5.58 7.49 -4.70
N LYS D 39 4.81 8.17 -5.53
CA LYS D 39 4.50 9.57 -5.28
C LYS D 39 3.74 9.78 -3.99
N ASP D 40 2.74 8.93 -3.75
CA ASP D 40 1.93 9.03 -2.54
C ASP D 40 2.76 8.69 -1.31
N TYR D 41 3.55 7.63 -1.41
CA TYR D 41 4.40 7.22 -0.28
C TYR D 41 5.38 8.35 0.12
N ASP D 42 6.02 8.92 -0.89
CA ASP D 42 6.99 9.99 -0.64
C ASP D 42 6.36 11.23 -0.02
N PHE D 43 5.18 11.62 -0.49
CA PHE D 43 4.51 12.78 0.11
C PHE D 43 4.31 12.60 1.63
N LYS D 44 3.76 11.45 2.03
CA LYS D 44 3.50 11.18 3.43
C LYS D 44 4.81 11.02 4.21
N MET D 45 5.75 10.29 3.63
CA MET D 45 7.05 10.07 4.28
C MET D 45 7.69 11.41 4.62
N ASN D 46 7.71 12.31 3.64
CA ASN D 46 8.35 13.60 3.81
C ASN D 46 7.61 14.45 4.83
N GLN D 47 6.30 14.33 4.87
CA GLN D 47 5.53 15.07 5.86
C GLN D 47 5.88 14.60 7.28
N GLN D 48 5.99 13.29 7.43
CA GLN D 48 6.26 12.72 8.75
C GLN D 48 7.68 13.02 9.19
N LEU D 49 8.58 13.17 8.23
CA LEU D 49 9.98 13.53 8.48
C LEU D 49 10.10 14.97 8.97
N ALA D 50 9.35 15.87 8.33
CA ALA D 50 9.36 17.27 8.74
C ALA D 50 8.74 17.43 10.12
N GLU D 51 7.73 16.64 10.41
CA GLU D 51 7.09 16.76 11.72
C GLU D 51 7.95 16.21 12.85
N MET D 52 8.58 15.05 12.64
CA MET D 52 9.50 14.51 13.64
C MET D 52 10.66 15.48 13.89
N GLN D 53 11.20 16.06 12.83
CA GLN D 53 12.29 17.04 12.97
C GLN D 53 11.86 18.27 13.79
N GLN D 54 10.62 18.72 13.59
CA GLN D 54 10.09 19.85 14.34
C GLN D 54 9.95 19.52 15.82
N ILE D 55 9.55 18.27 16.10
CA ILE D 55 9.44 17.82 17.48
C ILE D 55 10.84 17.71 18.05
N ARG D 56 11.76 17.14 17.29
CA ARG D 56 13.13 17.06 17.79
C ARG D 56 13.71 18.44 18.12
N ASN D 57 13.47 19.42 17.26
CA ASN D 57 13.92 20.79 17.48
C ASN D 57 13.29 21.48 18.71
N THR D 58 12.00 21.24 18.96
CA THR D 58 11.33 21.85 20.13
C THR D 58 11.80 21.25 21.44
N VAL D 59 12.05 19.95 21.41
CA VAL D 59 12.62 19.23 22.54
C VAL D 59 14.01 19.76 22.86
N TYR D 60 14.81 19.99 21.82
CA TYR D 60 16.11 20.63 21.99
C TYR D 60 16.00 22.02 22.63
N GLU D 61 15.10 22.86 22.11
CA GLU D 61 14.87 24.19 22.69
C GLU D 61 14.43 24.12 24.15
N LEU D 62 13.61 23.12 24.46
CA LEU D 62 13.10 22.97 25.81
C LEU D 62 14.25 22.61 26.74
N GLU D 63 15.11 21.72 26.27
CA GLU D 63 16.27 21.35 27.07
C GLU D 63 17.20 22.54 27.23
N LEU D 64 17.41 23.31 26.16
CA LEU D 64 18.32 24.46 26.23
C LEU D 64 17.79 25.51 27.20
N THR D 65 16.48 25.69 27.19
CA THR D 65 15.84 26.62 28.11
C THR D 65 16.02 26.21 29.56
N HIS D 66 15.93 24.91 29.85
CA HIS D 66 16.13 24.42 31.21
C HIS D 66 17.57 24.68 31.64
N ARG D 67 18.49 24.58 30.69
CA ARG D 67 19.88 24.91 30.97
C ARG D 67 20.02 26.38 31.38
N LYS D 68 19.24 27.24 30.74
CA LYS D 68 19.25 28.68 31.03
C LYS D 68 18.79 28.96 32.46
N MET D 69 17.67 28.34 32.86
CA MET D 69 17.16 28.51 34.20
C MET D 69 18.18 28.03 35.24
N LYS D 70 18.70 26.82 35.03
CA LYS D 70 19.71 26.29 35.95
C LYS D 70 20.87 27.24 36.11
N ASP D 71 21.27 27.85 34.99
CA ASP D 71 22.33 28.84 34.96
C ASP D 71 22.03 29.99 35.92
N ALA D 72 20.78 30.44 35.90
CA ALA D 72 20.34 31.49 36.81
C ALA D 72 20.47 31.05 38.28
N TYR D 73 20.19 29.78 38.56
CA TYR D 73 20.26 29.28 39.92
C TYR D 73 21.70 29.04 40.40
N GLU D 74 22.57 28.62 39.49
CA GLU D 74 23.99 28.43 39.81
C GLU D 74 24.65 29.72 40.25
N GLU D 75 24.17 30.84 39.74
CA GLU D 75 24.77 32.13 40.01
C GLU D 75 24.24 32.74 41.32
N GLU D 76 22.96 32.51 41.61
CA GLU D 76 22.40 32.94 42.89
C GLU D 76 23.01 32.11 44.02
N ILE D 77 23.29 30.84 43.74
CA ILE D 77 24.00 30.00 44.69
C ILE D 77 25.48 30.41 44.77
N LYS D 78 26.04 30.86 43.65
CA LYS D 78 27.39 31.42 43.65
C LYS D 78 27.39 32.66 44.55
N HIS D 79 27.30 32.44 45.85
CA HIS D 79 26.99 33.50 46.81
C HIS D 79 27.06 32.98 48.23
#